data_7Z27
#
_entry.id   7Z27
#
_cell.length_a   45.031
_cell.length_b   65.980
_cell.length_c   116.808
_cell.angle_alpha   90.000
_cell.angle_beta   90.000
_cell.angle_gamma   90.000
#
_symmetry.space_group_name_H-M   'P 21 21 21'
#
loop_
_entity.id
_entity.type
_entity.pdbx_description
1 polymer 'RNA-binding protein 15'
2 water water
#
_entity_poly.entity_id   1
_entity_poly.type   'polypeptide(L)'
_entity_poly.pdbx_seq_one_letter_code
;GAMAPVASASPKLCLAWQGMLLLKNSNFPSNMHLLQGDLQVASSLLVEGSTGGKVAQLKITQRLRLDQPKLDEVTRRIKV
AGPNGYAILLAVPGSSDSRSSSSSAASDTATSTQRPLRNLVSYLKQKQAAGVISLPVGGNKDKENTGVLHAFPPCEFSQQ
FLDSPAKALAKSEEDYLVMIIVRGFGFQI
;
_entity_poly.pdbx_strand_id   A,B
#
# COMPACT_ATOMS: atom_id res chain seq x y z
N SER A 10 0.41 -10.46 -6.30
CA SER A 10 -0.25 -9.80 -5.18
C SER A 10 -0.12 -8.29 -5.36
N PRO A 11 -1.19 -7.54 -5.09
CA PRO A 11 -1.14 -6.09 -5.28
C PRO A 11 -0.08 -5.44 -4.42
N LYS A 12 0.65 -4.49 -5.01
CA LYS A 12 1.74 -3.83 -4.30
C LYS A 12 1.21 -2.92 -3.21
N LEU A 13 0.05 -2.29 -3.43
CA LEU A 13 -0.61 -1.40 -2.47
C LEU A 13 0.18 -0.12 -2.18
N CYS A 14 1.18 0.20 -3.00
CA CYS A 14 1.89 1.48 -2.90
C CYS A 14 0.89 2.62 -2.79
N LEU A 15 1.17 3.57 -1.89
CA LEU A 15 0.35 4.77 -1.75
C LEU A 15 0.70 5.72 -2.90
N ALA A 16 -0.06 5.61 -4.00
CA ALA A 16 0.29 6.33 -5.22
C ALA A 16 -0.18 7.78 -5.23
N TRP A 17 -1.24 8.10 -4.50
CA TRP A 17 -1.77 9.45 -4.49
C TRP A 17 -2.62 9.66 -3.25
N GLN A 18 -2.58 10.88 -2.73
CA GLN A 18 -3.42 11.31 -1.62
C GLN A 18 -3.93 12.70 -1.94
N GLY A 19 -5.22 12.92 -1.74
CA GLY A 19 -5.78 14.25 -1.92
C GLY A 19 -7.28 14.19 -1.98
N MET A 20 -7.87 15.17 -2.68
CA MET A 20 -9.31 15.28 -2.74
C MET A 20 -9.82 14.94 -4.13
N LEU A 21 -10.84 14.10 -4.20
CA LEU A 21 -11.62 13.97 -5.43
C LEU A 21 -12.71 15.03 -5.38
N LEU A 22 -13.01 15.62 -6.54
CA LEU A 22 -14.02 16.67 -6.62
C LEU A 22 -15.15 16.23 -7.52
N LEU A 23 -16.38 16.47 -7.09
CA LEU A 23 -17.53 16.37 -7.98
C LEU A 23 -18.37 17.61 -7.74
N LYS A 24 -18.42 18.49 -8.75
CA LYS A 24 -19.09 19.78 -8.63
C LYS A 24 -18.62 20.51 -7.38
N ASN A 25 -19.54 20.72 -6.43
CA ASN A 25 -19.26 21.48 -5.23
C ASN A 25 -19.08 20.62 -3.98
N SER A 26 -18.70 19.35 -4.14
CA SER A 26 -18.30 18.49 -3.03
C SER A 26 -16.90 17.96 -3.26
N ASN A 27 -16.15 17.78 -2.17
CA ASN A 27 -14.83 17.18 -2.24
C ASN A 27 -14.72 16.04 -1.24
N PHE A 28 -13.94 15.03 -1.59
CA PHE A 28 -13.87 13.77 -0.86
C PHE A 28 -12.42 13.37 -0.66
N PRO A 29 -11.92 13.40 0.57
CA PRO A 29 -10.53 12.99 0.82
C PRO A 29 -10.37 11.51 0.50
N SER A 30 -9.29 11.19 -0.23
CA SER A 30 -9.04 9.82 -0.66
C SER A 30 -7.56 9.51 -0.69
N ASN A 31 -7.24 8.26 -0.37
CA ASN A 31 -5.92 7.67 -0.56
C ASN A 31 -6.02 6.60 -1.62
N MET A 32 -5.08 6.56 -2.56
CA MET A 32 -5.17 5.65 -3.68
C MET A 32 -3.99 4.69 -3.64
N HIS A 33 -4.28 3.39 -3.62
CA HIS A 33 -3.27 2.33 -3.51
C HIS A 33 -3.17 1.53 -4.80
N LEU A 34 -1.95 1.20 -5.20
CA LEU A 34 -1.76 0.49 -6.46
C LEU A 34 -2.24 -0.96 -6.34
N LEU A 35 -3.10 -1.36 -7.28
CA LEU A 35 -3.55 -2.74 -7.38
C LEU A 35 -2.82 -3.52 -8.46
N GLN A 36 -2.72 -2.96 -9.66
CA GLN A 36 -2.01 -3.63 -10.74
C GLN A 36 -1.67 -2.61 -11.81
N GLY A 37 -0.93 -3.06 -12.81
CA GLY A 37 -0.47 -2.16 -13.83
C GLY A 37 0.80 -1.43 -13.40
N ASP A 38 1.08 -0.35 -14.11
CA ASP A 38 2.36 0.34 -14.05
C ASP A 38 2.24 1.55 -13.14
N LEU A 39 2.94 1.53 -12.00
CA LEU A 39 2.92 2.67 -11.09
C LEU A 39 3.33 3.95 -11.80
N GLN A 40 4.25 3.84 -12.77
CA GLN A 40 4.73 5.02 -13.48
C GLN A 40 3.64 5.65 -14.35
N VAL A 41 2.67 4.85 -14.82
CA VAL A 41 1.54 5.44 -15.54
C VAL A 41 0.77 6.35 -14.61
N ALA A 42 0.54 5.92 -13.36
CA ALA A 42 -0.17 6.77 -12.42
C ALA A 42 0.66 7.99 -12.05
N SER A 43 1.95 7.77 -11.75
CA SER A 43 2.74 8.89 -11.26
C SER A 43 2.96 9.95 -12.35
N SER A 44 2.96 9.55 -13.62
CA SER A 44 3.19 10.50 -14.71
C SER A 44 1.94 11.25 -15.11
N LEU A 45 0.75 10.75 -14.77
CA LEU A 45 -0.49 11.40 -15.17
C LEU A 45 -1.21 12.11 -14.03
N LEU A 46 -1.00 11.69 -12.78
CA LEU A 46 -1.69 12.31 -11.64
C LEU A 46 -0.90 13.53 -11.19
N VAL A 47 -0.83 14.52 -12.09
CA VAL A 47 0.07 15.67 -11.95
C VAL A 47 -0.56 16.89 -12.62
N GLU A 48 0.02 18.06 -12.36
CA GLU A 48 -0.29 19.24 -13.14
C GLU A 48 0.39 19.11 -14.50
N GLY A 49 -0.40 19.20 -15.57
CA GLY A 49 0.11 18.84 -16.88
C GLY A 49 1.29 19.68 -17.34
N SER A 50 1.26 20.97 -17.02
CA SER A 50 2.28 21.89 -17.55
C SER A 50 3.62 21.75 -16.85
N THR A 51 3.63 21.37 -15.57
CA THR A 51 4.86 21.28 -14.81
C THR A 51 5.25 19.87 -14.39
N GLY A 52 4.32 18.92 -14.43
CA GLY A 52 4.60 17.63 -13.80
C GLY A 52 4.52 17.67 -12.30
N GLY A 53 4.09 18.78 -11.72
CA GLY A 53 4.06 18.92 -10.28
C GLY A 53 2.87 18.22 -9.64
N LYS A 54 2.97 18.07 -8.32
CA LYS A 54 1.91 17.43 -7.54
C LYS A 54 0.63 18.26 -7.63
N VAL A 55 -0.52 17.57 -7.63
CA VAL A 55 -1.83 18.19 -7.54
C VAL A 55 -2.57 17.60 -6.35
N ALA A 56 -3.30 18.45 -5.63
CA ALA A 56 -4.00 18.02 -4.43
C ALA A 56 -5.46 17.66 -4.68
N GLN A 57 -5.97 17.95 -5.88
CA GLN A 57 -7.37 17.71 -6.21
C GLN A 57 -7.44 17.12 -7.61
N LEU A 58 -8.39 16.21 -7.81
CA LEU A 58 -8.71 15.65 -9.12
C LEU A 58 -10.22 15.77 -9.29
N LYS A 59 -10.66 16.39 -10.38
CA LYS A 59 -12.06 16.72 -10.58
C LYS A 59 -12.75 15.77 -11.56
N ILE A 60 -13.84 15.16 -11.10
CA ILE A 60 -14.70 14.38 -11.97
C ILE A 60 -15.54 15.34 -12.80
N THR A 61 -15.39 15.28 -14.13
CA THR A 61 -16.05 16.22 -15.03
C THR A 61 -17.07 15.56 -15.96
N GLN A 62 -17.17 14.24 -15.95
CA GLN A 62 -18.04 13.53 -16.86
C GLN A 62 -18.41 12.22 -16.21
N ARG A 63 -19.44 11.58 -16.75
CA ARG A 63 -19.93 10.29 -16.26
C ARG A 63 -19.93 9.31 -17.41
N LEU A 64 -19.52 8.06 -17.11
CA LEU A 64 -19.62 6.94 -18.04
C LEU A 64 -20.62 5.95 -17.49
N ARG A 65 -21.62 5.58 -18.30
CA ARG A 65 -22.61 4.64 -17.80
C ARG A 65 -22.00 3.25 -17.61
N LEU A 66 -22.48 2.53 -16.59
CA LEU A 66 -21.98 1.18 -16.29
C LEU A 66 -22.63 0.07 -17.11
N ASP A 67 -23.13 0.39 -18.30
CA ASP A 67 -23.71 -0.63 -19.17
C ASP A 67 -22.59 -1.53 -19.71
N GLN A 68 -22.93 -2.79 -19.98
CA GLN A 68 -21.93 -3.74 -20.45
C GLN A 68 -21.11 -3.28 -21.64
N PRO A 69 -21.67 -2.63 -22.67
CA PRO A 69 -20.81 -2.18 -23.77
C PRO A 69 -19.74 -1.19 -23.34
N LYS A 70 -20.01 -0.36 -22.34
CA LYS A 70 -18.96 0.54 -21.87
C LYS A 70 -17.91 -0.22 -21.08
N LEU A 71 -18.35 -1.16 -20.23
CA LEU A 71 -17.41 -1.97 -19.46
C LEU A 71 -16.50 -2.79 -20.37
N ASP A 72 -17.06 -3.36 -21.44
CA ASP A 72 -16.23 -4.14 -22.35
C ASP A 72 -15.18 -3.27 -23.05
N GLU A 73 -15.50 -2.01 -23.30
CA GLU A 73 -14.52 -1.10 -23.89
C GLU A 73 -13.44 -0.68 -22.89
N VAL A 74 -13.78 -0.55 -21.60
CA VAL A 74 -12.76 -0.31 -20.58
C VAL A 74 -11.74 -1.44 -20.62
N THR A 75 -12.23 -2.67 -20.63
CA THR A 75 -11.38 -3.85 -20.70
C THR A 75 -10.53 -3.84 -21.98
N ARG A 76 -11.14 -3.50 -23.11
CA ARG A 76 -10.41 -3.54 -24.37
C ARG A 76 -9.32 -2.47 -24.39
N ARG A 77 -9.60 -1.28 -23.86
CA ARG A 77 -8.61 -0.22 -23.89
C ARG A 77 -7.42 -0.52 -22.99
N ILE A 78 -7.63 -1.25 -21.90
CA ILE A 78 -6.49 -1.73 -21.09
C ILE A 78 -5.62 -2.67 -21.92
N LYS A 79 -6.25 -3.62 -22.61
CA LYS A 79 -5.48 -4.57 -23.41
C LYS A 79 -4.76 -3.87 -24.55
N VAL A 80 -5.41 -2.88 -25.18
CA VAL A 80 -4.76 -2.15 -26.26
C VAL A 80 -3.55 -1.38 -25.73
N ALA A 81 -3.70 -0.76 -24.56
CA ALA A 81 -2.62 0.08 -24.03
C ALA A 81 -1.40 -0.76 -23.69
N GLY A 82 -1.63 -1.96 -23.17
CA GLY A 82 -0.54 -2.85 -22.80
C GLY A 82 -0.06 -2.64 -21.39
N PRO A 83 0.86 -3.50 -20.95
CA PRO A 83 1.30 -3.49 -19.55
C PRO A 83 1.92 -2.18 -19.08
N ASN A 84 2.48 -1.37 -19.97
CA ASN A 84 3.05 -0.08 -19.59
C ASN A 84 2.15 1.08 -19.95
N GLY A 85 0.86 0.84 -20.13
CA GLY A 85 -0.04 1.89 -20.54
C GLY A 85 -1.25 2.06 -19.65
N TYR A 86 -1.30 1.37 -18.52
CA TYR A 86 -2.44 1.50 -17.61
C TYR A 86 -1.99 1.28 -16.17
N ALA A 87 -2.83 1.72 -15.24
CA ALA A 87 -2.66 1.38 -13.83
C ALA A 87 -4.05 1.30 -13.21
N ILE A 88 -4.23 0.41 -12.26
CA ILE A 88 -5.48 0.28 -11.52
C ILE A 88 -5.17 0.51 -10.05
N LEU A 89 -5.93 1.42 -9.43
CA LEU A 89 -5.75 1.78 -8.02
C LEU A 89 -7.03 1.55 -7.25
N LEU A 90 -6.88 1.34 -5.94
CA LEU A 90 -8.00 1.28 -5.02
C LEU A 90 -8.06 2.60 -4.27
N ALA A 91 -9.16 3.33 -4.41
CA ALA A 91 -9.36 4.58 -3.69
C ALA A 91 -10.15 4.29 -2.41
N VAL A 92 -9.57 4.66 -1.27
CA VAL A 92 -10.21 4.45 0.03
C VAL A 92 -10.30 5.79 0.73
N PRO A 93 -11.07 5.91 1.83
CA PRO A 93 -11.20 7.21 2.49
C PRO A 93 -9.87 7.74 3.00
N GLY A 94 -9.65 9.03 2.79
CA GLY A 94 -8.47 9.71 3.26
C GLY A 94 -8.72 10.49 4.54
N SER A 95 -7.69 11.22 4.96
CA SER A 95 -7.76 12.00 6.18
C SER A 95 -8.61 13.25 5.95
N SER A 96 -9.60 13.45 6.81
CA SER A 96 -10.52 14.57 6.71
C SER A 96 -9.79 15.91 6.77
N ALA A 105 -10.09 32.86 1.92
CA ALA A 105 -10.95 31.77 1.48
C ALA A 105 -12.07 32.25 0.55
N ALA A 106 -12.64 33.43 0.84
CA ALA A 106 -13.74 33.95 0.05
C ALA A 106 -13.35 34.17 -1.41
N SER A 107 -12.07 34.45 -1.67
CA SER A 107 -11.60 34.67 -3.03
C SER A 107 -11.34 33.37 -3.79
N ASP A 108 -11.42 32.21 -3.13
CA ASP A 108 -11.23 30.95 -3.82
C ASP A 108 -12.28 30.80 -4.91
N THR A 109 -11.83 30.64 -6.15
CA THR A 109 -12.74 30.49 -7.28
C THR A 109 -13.49 29.17 -7.26
N ALA A 110 -13.05 28.20 -6.46
CA ALA A 110 -13.70 26.90 -6.36
C ALA A 110 -14.01 26.64 -4.89
N THR A 111 -15.29 26.69 -4.54
CA THR A 111 -15.76 26.34 -3.20
C THR A 111 -16.37 24.95 -3.23
N SER A 112 -16.35 24.29 -2.07
CA SER A 112 -16.75 22.88 -2.03
C SER A 112 -16.94 22.44 -0.59
N THR A 113 -17.96 21.61 -0.37
CA THR A 113 -18.22 21.01 0.94
C THR A 113 -17.49 19.69 1.04
N GLN A 114 -16.68 19.52 2.08
CA GLN A 114 -15.97 18.26 2.27
C GLN A 114 -16.93 17.19 2.76
N ARG A 115 -16.90 16.02 2.14
CA ARG A 115 -17.78 14.91 2.46
C ARG A 115 -16.96 13.63 2.49
N PRO A 116 -17.40 12.63 3.25
CA PRO A 116 -16.69 11.34 3.25
C PRO A 116 -16.78 10.69 1.88
N LEU A 117 -15.75 9.92 1.53
CA LEU A 117 -15.75 9.20 0.27
C LEU A 117 -17.00 8.34 0.11
N ARG A 118 -17.55 7.81 1.21
CA ARG A 118 -18.79 7.03 1.15
C ARG A 118 -19.91 7.77 0.42
N ASN A 119 -19.94 9.10 0.51
CA ASN A 119 -20.94 9.88 -0.21
C ASN A 119 -20.79 9.73 -1.71
N LEU A 120 -19.57 9.91 -2.22
CA LEU A 120 -19.33 9.75 -3.64
C LEU A 120 -19.58 8.32 -4.08
N VAL A 121 -19.16 7.34 -3.25
CA VAL A 121 -19.39 5.94 -3.56
C VAL A 121 -20.89 5.66 -3.71
N SER A 122 -21.68 6.11 -2.73
CA SER A 122 -23.11 5.88 -2.79
CA SER A 122 -23.12 5.89 -2.80
C SER A 122 -23.72 6.55 -4.02
N TYR A 123 -23.25 7.76 -4.35
CA TYR A 123 -23.78 8.44 -5.52
C TYR A 123 -23.52 7.66 -6.80
N LEU A 124 -22.27 7.24 -7.00
CA LEU A 124 -21.95 6.51 -8.22
C LEU A 124 -22.66 5.16 -8.28
N LYS A 125 -22.85 4.52 -7.12
CA LYS A 125 -23.62 3.28 -7.10
C LYS A 125 -25.06 3.52 -7.54
N GLN A 126 -25.68 4.58 -7.01
CA GLN A 126 -27.08 4.84 -7.35
C GLN A 126 -27.25 5.34 -8.78
N LYS A 127 -26.32 6.19 -9.24
CA LYS A 127 -26.35 6.67 -10.62
C LYS A 127 -25.91 5.60 -11.61
N GLN A 128 -25.33 4.51 -11.14
CA GLN A 128 -24.78 3.44 -11.97
C GLN A 128 -23.84 4.01 -13.03
N ALA A 129 -22.84 4.73 -12.55
CA ALA A 129 -21.91 5.41 -13.45
C ALA A 129 -20.52 5.36 -12.83
N ALA A 130 -19.53 5.44 -13.70
CA ALA A 130 -18.16 5.73 -13.32
C ALA A 130 -17.87 7.20 -13.51
N GLY A 131 -17.09 7.78 -12.61
CA GLY A 131 -16.65 9.14 -12.82
C GLY A 131 -15.49 9.20 -13.80
N VAL A 132 -15.44 10.27 -14.59
CA VAL A 132 -14.38 10.45 -15.59
C VAL A 132 -13.51 11.63 -15.17
N ILE A 133 -12.19 11.41 -15.11
CA ILE A 133 -11.21 12.45 -14.81
C ILE A 133 -10.21 12.48 -15.93
N SER A 134 -10.14 13.59 -16.65
CA SER A 134 -9.14 13.71 -17.73
C SER A 134 -7.78 14.05 -17.13
N LEU A 135 -6.73 13.48 -17.70
CA LEU A 135 -5.40 13.63 -17.15
C LEU A 135 -4.42 14.01 -18.25
N PRO A 136 -3.34 14.70 -17.91
CA PRO A 136 -3.03 15.25 -16.58
C PRO A 136 -3.92 16.46 -16.33
N VAL A 137 -3.80 17.08 -15.15
CA VAL A 137 -4.64 18.24 -14.85
C VAL A 137 -4.24 19.40 -15.76
N GLY A 138 -5.22 19.94 -16.47
CA GLY A 138 -4.97 20.98 -17.45
C GLY A 138 -4.80 20.48 -18.87
N GLY A 139 -4.68 19.17 -19.07
CA GLY A 139 -4.63 18.61 -20.41
C GLY A 139 -3.25 18.69 -21.04
N ASN A 140 -3.24 18.45 -22.36
CA ASN A 140 -2.04 18.54 -23.19
C ASN A 140 -2.46 18.52 -24.66
N LYS A 141 -1.72 19.27 -25.49
CA LYS A 141 -2.08 19.40 -26.89
C LYS A 141 -1.87 18.10 -27.68
N ASP A 142 -0.91 17.26 -27.28
CA ASP A 142 -0.67 15.99 -27.95
C ASP A 142 -1.55 14.94 -27.30
N LYS A 143 -2.30 14.20 -28.12
CA LYS A 143 -3.18 13.17 -27.57
C LYS A 143 -2.39 12.09 -26.82
N GLU A 144 -1.13 11.86 -27.17
CA GLU A 144 -0.43 10.71 -26.62
C GLU A 144 0.19 10.95 -25.25
N ASN A 145 0.28 12.19 -24.78
CA ASN A 145 0.75 12.45 -23.43
C ASN A 145 -0.39 12.76 -22.46
N THR A 146 -1.62 12.42 -22.84
CA THR A 146 -2.75 12.55 -21.94
C THR A 146 -3.22 11.17 -21.53
N GLY A 147 -4.23 11.14 -20.66
CA GLY A 147 -4.83 9.89 -20.26
C GLY A 147 -6.16 10.15 -19.61
N VAL A 148 -6.77 9.09 -19.12
CA VAL A 148 -8.09 9.19 -18.50
C VAL A 148 -8.12 8.25 -17.30
N LEU A 149 -8.80 8.68 -16.25
CA LEU A 149 -9.08 7.85 -15.09
C LEU A 149 -10.59 7.63 -15.04
N HIS A 150 -11.01 6.37 -14.96
CA HIS A 150 -12.40 6.03 -14.74
C HIS A 150 -12.54 5.52 -13.31
N ALA A 151 -13.44 6.13 -12.56
CA ALA A 151 -13.61 5.84 -11.13
C ALA A 151 -14.88 5.01 -10.97
N PHE A 152 -14.71 3.73 -10.68
CA PHE A 152 -15.85 2.82 -10.61
C PHE A 152 -16.28 2.59 -9.17
N PRO A 153 -17.59 2.59 -8.91
CA PRO A 153 -18.08 2.20 -7.59
C PRO A 153 -17.95 0.70 -7.41
N PRO A 154 -18.12 0.21 -6.19
CA PRO A 154 -18.23 -1.25 -5.98
C PRO A 154 -19.36 -1.82 -6.83
N CYS A 155 -19.04 -2.88 -7.57
CA CYS A 155 -19.97 -3.58 -8.44
C CYS A 155 -19.27 -4.84 -8.93
N GLU A 156 -20.00 -5.68 -9.65
CA GLU A 156 -19.40 -6.90 -10.17
C GLU A 156 -18.17 -6.59 -11.01
N PHE A 157 -18.23 -5.55 -11.85
CA PHE A 157 -17.11 -5.24 -12.72
C PHE A 157 -15.87 -4.86 -11.92
N SER A 158 -16.03 -4.01 -10.91
CA SER A 158 -14.85 -3.54 -10.19
C SER A 158 -14.32 -4.61 -9.24
N GLN A 159 -15.19 -5.51 -8.77
CA GLN A 159 -14.73 -6.55 -7.85
C GLN A 159 -13.75 -7.53 -8.49
N GLN A 160 -13.74 -7.64 -9.82
CA GLN A 160 -12.80 -8.54 -10.47
C GLN A 160 -11.35 -8.12 -10.28
N PHE A 161 -11.11 -6.87 -9.92
CA PHE A 161 -9.75 -6.37 -9.71
C PHE A 161 -9.32 -6.44 -8.26
N LEU A 162 -10.14 -7.02 -7.39
CA LEU A 162 -9.89 -7.07 -5.96
C LEU A 162 -9.57 -8.50 -5.56
N ASP A 163 -8.30 -8.76 -5.26
N ASP A 163 -8.30 -8.78 -5.26
CA ASP A 163 -7.88 -10.03 -4.66
CA ASP A 163 -7.95 -10.06 -4.68
C ASP A 163 -8.05 -9.96 -3.15
C ASP A 163 -8.04 -9.97 -3.16
N SER A 164 -7.80 -11.10 -2.49
CA SER A 164 -7.97 -11.17 -1.03
C SER A 164 -7.24 -10.08 -0.26
N PRO A 165 -5.95 -9.80 -0.47
CA PRO A 165 -5.33 -8.69 0.27
C PRO A 165 -5.92 -7.33 -0.07
N ALA A 166 -6.43 -7.15 -1.29
CA ALA A 166 -7.06 -5.88 -1.65
C ALA A 166 -8.36 -5.68 -0.87
N LYS A 167 -9.16 -6.73 -0.70
CA LYS A 167 -10.43 -6.59 0.02
C LYS A 167 -10.24 -6.14 1.46
N ALA A 168 -9.16 -6.57 2.11
CA ALA A 168 -8.92 -6.15 3.49
C ALA A 168 -8.83 -4.64 3.59
N LEU A 169 -8.20 -4.00 2.59
CA LEU A 169 -8.21 -2.53 2.53
C LEU A 169 -9.61 -2.02 2.26
N ALA A 170 -10.34 -2.68 1.37
CA ALA A 170 -11.70 -2.30 0.99
C ALA A 170 -12.66 -2.87 2.04
N LYS A 171 -12.75 -2.18 3.17
CA LYS A 171 -13.49 -2.67 4.33
C LYS A 171 -14.92 -3.05 3.96
N SER A 172 -15.67 -2.14 3.34
CA SER A 172 -17.07 -2.38 3.01
C SER A 172 -17.34 -1.98 1.56
N GLU A 173 -18.37 -2.60 0.98
CA GLU A 173 -18.82 -2.26 -0.38
C GLU A 173 -19.41 -0.86 -0.46
N GLU A 174 -19.31 -0.08 0.60
CA GLU A 174 -19.77 1.30 0.61
C GLU A 174 -18.62 2.30 0.70
N ASP A 175 -17.36 1.85 0.68
CA ASP A 175 -16.27 2.73 1.09
C ASP A 175 -15.05 2.67 0.17
N TYR A 176 -15.20 2.31 -1.10
CA TYR A 176 -14.05 2.33 -1.99
C TYR A 176 -14.50 2.59 -3.42
N LEU A 177 -13.53 3.00 -4.23
CA LEU A 177 -13.69 3.08 -5.68
C LEU A 177 -12.51 2.36 -6.31
N VAL A 178 -12.71 1.85 -7.52
CA VAL A 178 -11.62 1.26 -8.29
C VAL A 178 -11.32 2.24 -9.41
N MET A 179 -10.07 2.71 -9.45
CA MET A 179 -9.65 3.74 -10.40
C MET A 179 -8.84 3.08 -11.52
N ILE A 180 -9.31 3.22 -12.76
CA ILE A 180 -8.61 2.64 -13.89
C ILE A 180 -8.07 3.79 -14.74
N ILE A 181 -6.75 3.90 -14.78
CA ILE A 181 -6.05 4.94 -15.53
C ILE A 181 -5.48 4.31 -16.79
N VAL A 182 -5.77 4.90 -17.95
CA VAL A 182 -5.19 4.44 -19.21
C VAL A 182 -4.52 5.63 -19.88
N ARG A 183 -3.27 5.44 -20.31
CA ARG A 183 -2.49 6.50 -20.92
C ARG A 183 -2.57 6.44 -22.44
N GLY A 184 -2.72 7.62 -23.06
CA GLY A 184 -2.51 7.75 -24.49
C GLY A 184 -3.62 7.15 -25.35
N PHE A 185 -3.21 6.75 -26.55
CA PHE A 185 -4.13 6.35 -27.61
C PHE A 185 -3.46 5.20 -28.34
N GLY A 186 -4.08 4.02 -28.32
CA GLY A 186 -3.44 2.85 -28.90
C GLY A 186 -2.31 2.30 -28.01
N PHE A 187 -1.55 1.38 -28.58
CA PHE A 187 -0.54 0.67 -27.82
C PHE A 187 0.57 1.61 -27.33
N GLN A 188 1.00 1.41 -26.08
CA GLN A 188 1.89 2.34 -25.40
C GLN A 188 3.33 1.83 -25.42
N ILE A 189 4.12 2.37 -26.34
CA ILE A 189 5.57 2.18 -26.41
C ILE A 189 6.18 3.40 -27.12
N PRO B 11 6.67 6.43 -3.02
CA PRO B 11 5.55 6.11 -2.13
C PRO B 11 5.82 5.07 -1.05
N LYS B 12 5.20 5.29 0.11
CA LYS B 12 5.18 4.32 1.19
C LYS B 12 4.16 3.23 0.87
N LEU B 13 4.22 2.16 1.67
CA LEU B 13 3.29 1.05 1.73
C LEU B 13 3.47 0.02 0.61
N CYS B 14 4.46 0.14 -0.28
CA CYS B 14 4.68 -0.93 -1.24
C CYS B 14 5.08 -2.25 -0.63
N LEU B 15 4.56 -3.31 -1.22
CA LEU B 15 4.96 -4.67 -0.86
C LEU B 15 6.46 -4.81 -1.04
N ALA B 16 7.14 -5.22 0.04
CA ALA B 16 8.58 -5.39 0.03
C ALA B 16 9.02 -6.83 0.16
N TRP B 17 8.16 -7.72 0.67
CA TRP B 17 8.50 -9.12 0.83
C TRP B 17 7.21 -9.90 0.99
N GLN B 18 7.18 -11.08 0.37
CA GLN B 18 6.07 -12.02 0.46
C GLN B 18 6.62 -13.38 0.79
N GLY B 19 6.00 -14.07 1.74
CA GLY B 19 6.45 -15.40 2.09
C GLY B 19 5.80 -15.89 3.37
N MET B 20 6.49 -16.84 4.01
N MET B 20 6.49 -16.83 4.02
CA MET B 20 6.00 -17.48 5.23
CA MET B 20 6.00 -17.48 5.22
C MET B 20 6.85 -17.06 6.41
C MET B 20 6.85 -17.07 6.41
N LEU B 21 6.19 -16.68 7.50
CA LEU B 21 6.84 -16.55 8.79
C LEU B 21 6.71 -17.90 9.49
N LEU B 22 7.79 -18.36 10.09
CA LEU B 22 7.86 -19.69 10.69
C LEU B 22 8.01 -19.58 12.19
N LEU B 23 7.14 -20.28 12.92
CA LEU B 23 7.27 -20.42 14.36
C LEU B 23 7.02 -21.89 14.66
N LYS B 24 8.02 -22.55 15.26
CA LYS B 24 7.93 -23.97 15.59
C LYS B 24 7.57 -24.81 14.37
N ASN B 25 6.37 -25.37 14.36
CA ASN B 25 5.93 -26.25 13.28
C ASN B 25 4.82 -25.65 12.43
N SER B 26 4.67 -24.32 12.47
CA SER B 26 3.62 -23.64 11.73
C SER B 26 4.21 -22.56 10.85
N ASN B 27 3.59 -22.36 9.69
CA ASN B 27 3.94 -21.27 8.78
C ASN B 27 2.75 -20.35 8.58
N PHE B 28 3.03 -19.05 8.55
CA PHE B 28 2.00 -18.02 8.46
C PHE B 28 2.27 -17.16 7.24
N PRO B 29 1.50 -17.31 6.16
CA PRO B 29 1.74 -16.47 4.98
C PRO B 29 1.57 -15.00 5.34
N SER B 30 2.59 -14.20 4.99
CA SER B 30 2.58 -12.77 5.31
C SER B 30 3.07 -11.96 4.14
N ASN B 31 2.49 -10.78 3.98
CA ASN B 31 2.98 -9.76 3.05
C ASN B 31 3.49 -8.60 3.89
N MET B 32 4.70 -8.12 3.58
CA MET B 32 5.31 -7.06 4.37
C MET B 32 5.32 -5.81 3.50
N HIS B 33 4.78 -4.70 4.01
CA HIS B 33 4.73 -3.44 3.28
C HIS B 33 5.57 -2.39 4.00
N LEU B 34 6.26 -1.52 3.25
CA LEU B 34 7.19 -0.59 3.86
C LEU B 34 6.46 0.54 4.59
N LEU B 35 6.79 0.75 5.86
CA LEU B 35 6.24 1.86 6.62
C LEU B 35 7.22 3.03 6.71
N GLN B 36 8.48 2.74 7.02
CA GLN B 36 9.43 3.78 7.41
C GLN B 36 10.83 3.26 7.17
N GLY B 37 11.77 4.18 7.03
CA GLY B 37 13.17 3.81 6.90
C GLY B 37 13.55 3.48 5.48
N ASP B 38 14.61 2.67 5.36
CA ASP B 38 15.36 2.46 4.13
C ASP B 38 14.96 1.10 3.54
N LEU B 39 14.24 1.12 2.43
CA LEU B 39 13.88 -0.14 1.75
C LEU B 39 15.10 -1.02 1.51
N GLN B 40 16.25 -0.39 1.21
CA GLN B 40 17.46 -1.17 0.91
C GLN B 40 17.92 -1.98 2.12
N VAL B 41 17.64 -1.52 3.34
CA VAL B 41 17.95 -2.34 4.51
C VAL B 41 17.16 -3.64 4.47
N ALA B 42 15.87 -3.56 4.16
CA ALA B 42 15.05 -4.76 4.05
C ALA B 42 15.49 -5.63 2.88
N SER B 43 15.63 -5.05 1.69
CA SER B 43 15.94 -5.85 0.50
CA SER B 43 15.93 -5.88 0.53
C SER B 43 17.29 -6.55 0.64
N SER B 44 18.27 -5.89 1.25
CA SER B 44 19.60 -6.49 1.34
C SER B 44 19.68 -7.55 2.45
N LEU B 45 18.83 -7.47 3.47
CA LEU B 45 18.91 -8.40 4.58
C LEU B 45 17.89 -9.53 4.51
N LEU B 46 16.78 -9.33 3.79
CA LEU B 46 15.74 -10.37 3.67
C LEU B 46 16.11 -11.32 2.54
N VAL B 47 17.23 -12.02 2.74
CA VAL B 47 17.85 -12.88 1.73
C VAL B 47 18.47 -14.09 2.41
N GLU B 48 18.83 -15.08 1.60
CA GLU B 48 19.69 -16.16 2.02
C GLU B 48 21.12 -15.64 1.96
N GLY B 49 21.82 -15.72 3.09
CA GLY B 49 23.10 -15.03 3.20
C GLY B 49 24.16 -15.55 2.24
N SER B 50 24.25 -16.87 2.07
CA SER B 50 25.32 -17.45 1.28
C SER B 50 25.24 -17.06 -0.19
N THR B 51 24.03 -16.77 -0.69
CA THR B 51 23.84 -16.43 -2.09
C THR B 51 23.30 -15.03 -2.33
N GLY B 52 22.74 -14.37 -1.30
CA GLY B 52 22.05 -13.12 -1.52
C GLY B 52 20.72 -13.26 -2.22
N GLY B 53 20.23 -14.50 -2.38
CA GLY B 53 19.00 -14.72 -3.12
C GLY B 53 17.76 -14.60 -2.25
N LYS B 54 16.62 -14.55 -2.94
CA LYS B 54 15.32 -14.41 -2.27
C LYS B 54 15.10 -15.60 -1.36
N VAL B 55 14.50 -15.36 -0.19
CA VAL B 55 14.08 -16.42 0.72
C VAL B 55 12.57 -16.39 0.84
N ALA B 56 11.96 -17.57 0.88
CA ALA B 56 10.52 -17.69 0.99
C ALA B 56 10.03 -17.84 2.43
N GLN B 57 10.94 -18.09 3.36
CA GLN B 57 10.61 -18.36 4.76
C GLN B 57 11.56 -17.60 5.67
N LEU B 58 11.02 -17.10 6.77
CA LEU B 58 11.80 -16.44 7.82
C LEU B 58 11.38 -17.04 9.16
N LYS B 59 12.34 -17.55 9.92
CA LYS B 59 12.05 -18.31 11.13
C LYS B 59 12.27 -17.47 12.37
N ILE B 60 11.24 -17.39 13.21
CA ILE B 60 11.34 -16.77 14.53
C ILE B 60 12.05 -17.75 15.46
N THR B 61 13.21 -17.35 15.99
CA THR B 61 14.03 -18.23 16.81
C THR B 61 14.21 -17.75 18.25
N GLN B 62 13.82 -16.52 18.56
CA GLN B 62 13.95 -15.96 19.89
C GLN B 62 12.75 -15.05 20.13
N ARG B 63 12.59 -14.64 21.37
CA ARG B 63 11.54 -13.70 21.74
C ARG B 63 12.17 -12.57 22.55
N LEU B 64 11.53 -11.40 22.51
CA LEU B 64 11.89 -10.25 23.33
C LEU B 64 10.63 -9.78 24.04
N ARG B 65 10.66 -9.73 25.37
CA ARG B 65 9.48 -9.29 26.11
C ARG B 65 9.15 -7.81 25.91
N LEU B 66 7.85 -7.51 25.93
CA LEU B 66 7.33 -6.17 25.70
C LEU B 66 7.32 -5.32 26.98
N ASP B 67 8.44 -5.21 27.67
CA ASP B 67 8.52 -4.33 28.82
C ASP B 67 9.09 -2.97 28.43
N GLN B 68 8.84 -1.98 29.29
CA GLN B 68 9.16 -0.60 28.93
C GLN B 68 10.64 -0.36 28.68
N PRO B 69 11.58 -0.79 29.54
CA PRO B 69 13.00 -0.60 29.23
C PRO B 69 13.44 -1.27 27.94
N LYS B 70 12.82 -2.38 27.55
CA LYS B 70 13.20 -2.99 26.27
C LYS B 70 12.64 -2.18 25.11
N LEU B 71 11.41 -1.69 25.25
CA LEU B 71 10.81 -0.87 24.20
C LEU B 71 11.57 0.43 24.02
N ASP B 72 11.96 1.08 25.13
CA ASP B 72 12.77 2.29 25.05
C ASP B 72 14.08 2.01 24.30
N GLU B 73 14.65 0.82 24.51
CA GLU B 73 15.89 0.46 23.83
C GLU B 73 15.69 0.16 22.35
N VAL B 74 14.55 -0.45 21.97
CA VAL B 74 14.25 -0.59 20.56
C VAL B 74 14.23 0.78 19.88
N THR B 75 13.56 1.74 20.52
CA THR B 75 13.51 3.10 19.99
C THR B 75 14.90 3.68 19.85
N ARG B 76 15.76 3.46 20.85
CA ARG B 76 17.12 4.01 20.79
C ARG B 76 17.92 3.35 19.66
N ARG B 77 17.76 2.04 19.49
CA ARG B 77 18.52 1.35 18.45
C ARG B 77 18.09 1.77 17.05
N ILE B 78 16.80 2.08 16.85
CA ILE B 78 16.35 2.64 15.58
C ILE B 78 17.03 3.97 15.33
N LYS B 79 17.06 4.83 16.36
CA LYS B 79 17.61 6.17 16.21
C LYS B 79 19.11 6.11 15.90
N VAL B 80 19.87 5.33 16.68
CA VAL B 80 21.32 5.34 16.50
C VAL B 80 21.73 4.69 15.19
N ALA B 81 20.88 3.86 14.58
CA ALA B 81 21.25 3.19 13.35
C ALA B 81 21.42 4.18 12.19
N GLY B 82 20.73 5.30 12.25
CA GLY B 82 20.76 6.25 11.16
C GLY B 82 19.81 5.90 10.03
N PRO B 83 19.72 6.80 9.05
CA PRO B 83 18.68 6.67 8.01
C PRO B 83 18.90 5.51 7.05
N ASN B 84 20.11 4.98 6.97
CA ASN B 84 20.37 3.78 6.18
C ASN B 84 20.64 2.57 7.07
N GLY B 85 20.11 2.57 8.27
CA GLY B 85 20.40 1.50 9.18
C GLY B 85 19.18 0.74 9.69
N TYR B 86 17.99 1.10 9.24
CA TYR B 86 16.77 0.44 9.72
C TYR B 86 15.69 0.51 8.65
N ALA B 87 14.71 -0.37 8.79
CA ALA B 87 13.50 -0.33 7.99
C ALA B 87 12.39 -0.88 8.87
N ILE B 88 11.20 -0.30 8.72
CA ILE B 88 10.04 -0.75 9.48
C ILE B 88 8.96 -1.14 8.47
N LEU B 89 8.40 -2.33 8.66
CA LEU B 89 7.43 -2.88 7.72
C LEU B 89 6.19 -3.33 8.47
N LEU B 90 5.06 -3.31 7.77
CA LEU B 90 3.79 -3.83 8.28
C LEU B 90 3.58 -5.20 7.68
N ALA B 91 3.46 -6.22 8.54
CA ALA B 91 3.19 -7.58 8.09
C ALA B 91 1.68 -7.81 8.18
N VAL B 92 1.07 -8.16 7.05
CA VAL B 92 -0.37 -8.42 7.00
C VAL B 92 -0.59 -9.82 6.43
N PRO B 93 -1.79 -10.40 6.54
CA PRO B 93 -1.99 -11.75 6.03
C PRO B 93 -1.73 -11.84 4.53
N GLY B 94 -1.04 -12.91 4.13
CA GLY B 94 -0.68 -13.12 2.74
C GLY B 94 -1.33 -14.35 2.14
N SER B 112 5.30 -28.29 9.61
CA SER B 112 5.15 -27.31 8.55
C SER B 112 3.69 -27.17 8.11
N THR B 113 2.81 -26.85 9.06
CA THR B 113 1.40 -26.63 8.79
C THR B 113 1.14 -25.15 8.59
N GLN B 114 0.35 -24.82 7.57
CA GLN B 114 0.03 -23.43 7.29
C GLN B 114 -1.13 -22.97 8.15
N ARG B 115 -0.99 -21.77 8.71
CA ARG B 115 -1.99 -21.16 9.59
C ARG B 115 -2.13 -19.69 9.23
N PRO B 116 -3.30 -19.10 9.48
CA PRO B 116 -3.45 -17.66 9.24
C PRO B 116 -2.57 -16.85 10.17
N LEU B 117 -2.12 -15.71 9.67
CA LEU B 117 -1.23 -14.85 10.45
C LEU B 117 -1.85 -14.47 11.80
N ARG B 118 -3.18 -14.34 11.87
CA ARG B 118 -3.79 -13.96 13.13
C ARG B 118 -3.47 -14.94 14.26
N ASN B 119 -3.16 -16.21 13.94
CA ASN B 119 -2.75 -17.14 14.98
C ASN B 119 -1.39 -16.75 15.56
N LEU B 120 -0.46 -16.30 14.72
CA LEU B 120 0.81 -15.83 15.22
C LEU B 120 0.64 -14.55 16.03
N VAL B 121 -0.22 -13.65 15.55
CA VAL B 121 -0.51 -12.41 16.27
C VAL B 121 -1.06 -12.73 17.66
N SER B 122 -2.07 -13.60 17.72
CA SER B 122 -2.65 -13.97 19.01
C SER B 122 -1.61 -14.57 19.94
N TYR B 123 -0.74 -15.43 19.39
CA TYR B 123 0.30 -16.07 20.19
C TYR B 123 1.25 -15.03 20.79
N LEU B 124 1.72 -14.09 19.95
CA LEU B 124 2.64 -13.09 20.47
C LEU B 124 1.95 -12.10 21.40
N LYS B 125 0.68 -11.79 21.13
CA LYS B 125 -0.10 -10.96 22.06
C LYS B 125 -0.21 -11.64 23.41
N GLN B 126 -0.52 -12.95 23.41
CA GLN B 126 -0.66 -13.70 24.66
C GLN B 126 0.67 -13.77 25.41
N LYS B 127 1.77 -14.07 24.71
CA LYS B 127 3.08 -14.12 25.34
C LYS B 127 3.65 -12.74 25.68
N GLN B 128 2.99 -11.66 25.23
CA GLN B 128 3.48 -10.29 25.43
C GLN B 128 4.95 -10.17 25.02
N ALA B 129 5.24 -10.57 23.79
CA ALA B 129 6.61 -10.58 23.32
C ALA B 129 6.64 -10.28 21.83
N ALA B 130 7.80 -9.80 21.37
CA ALA B 130 8.09 -9.69 19.96
C ALA B 130 8.88 -10.91 19.52
N GLY B 131 8.59 -11.40 18.32
CA GLY B 131 9.44 -12.42 17.73
C GLY B 131 10.75 -11.83 17.24
N VAL B 132 11.80 -12.63 17.27
CA VAL B 132 13.12 -12.18 16.83
C VAL B 132 13.60 -13.08 15.70
N ILE B 133 13.99 -12.46 14.59
CA ILE B 133 14.51 -13.16 13.42
C ILE B 133 15.87 -12.58 13.10
N SER B 134 16.89 -13.44 13.03
CA SER B 134 18.23 -13.00 12.67
C SER B 134 18.37 -12.95 11.15
N LEU B 135 19.04 -11.91 10.65
CA LEU B 135 19.21 -11.68 9.23
C LEU B 135 20.68 -11.48 8.88
N PRO B 136 21.10 -11.88 7.67
CA PRO B 136 20.32 -12.61 6.67
C PRO B 136 20.16 -14.04 7.11
N VAL B 137 19.41 -14.86 6.37
CA VAL B 137 19.25 -16.24 6.77
C VAL B 137 20.59 -16.95 6.63
N GLY B 138 21.04 -17.58 7.72
CA GLY B 138 22.34 -18.19 7.77
C GLY B 138 23.42 -17.35 8.43
N GLY B 139 23.16 -16.06 8.67
CA GLY B 139 24.10 -15.20 9.35
C GLY B 139 25.18 -14.64 8.43
N ASN B 140 26.09 -13.88 9.05
CA ASN B 140 27.25 -13.35 8.33
C ASN B 140 28.35 -13.07 9.35
N LYS B 141 29.59 -13.26 8.92
CA LYS B 141 30.70 -13.09 9.84
C LYS B 141 31.05 -11.63 10.10
N ASP B 142 30.53 -10.69 9.31
CA ASP B 142 30.78 -9.26 9.51
C ASP B 142 29.50 -8.64 10.05
N LYS B 143 29.59 -8.01 11.24
CA LYS B 143 28.40 -7.48 11.90
C LYS B 143 27.64 -6.50 11.03
N GLU B 144 28.35 -5.67 10.25
CA GLU B 144 27.68 -4.66 9.44
C GLU B 144 26.85 -5.25 8.31
N ASN B 145 27.01 -6.55 8.04
CA ASN B 145 26.23 -7.24 7.02
C ASN B 145 25.17 -8.15 7.61
N THR B 146 24.78 -7.89 8.86
CA THR B 146 23.74 -8.64 9.54
C THR B 146 22.71 -7.65 10.04
N GLY B 147 21.57 -8.20 10.46
CA GLY B 147 20.52 -7.40 11.03
C GLY B 147 19.69 -8.25 11.97
N VAL B 148 18.81 -7.58 12.69
CA VAL B 148 17.86 -8.26 13.57
C VAL B 148 16.49 -7.72 13.24
N LEU B 149 15.53 -8.60 13.04
CA LEU B 149 14.14 -8.24 12.83
C LEU B 149 13.36 -8.54 14.10
N HIS B 150 12.70 -7.53 14.65
CA HIS B 150 11.81 -7.72 15.79
C HIS B 150 10.39 -7.60 15.28
N ALA B 151 9.60 -8.64 15.51
CA ALA B 151 8.23 -8.74 15.00
C ALA B 151 7.28 -8.49 16.15
N PHE B 152 6.71 -7.29 16.19
CA PHE B 152 5.87 -6.83 17.30
C PHE B 152 4.40 -7.08 17.00
N PRO B 153 3.65 -7.61 17.96
CA PRO B 153 2.21 -7.67 17.81
C PRO B 153 1.60 -6.30 17.98
N PRO B 154 0.32 -6.13 17.63
CA PRO B 154 -0.35 -4.85 17.89
C PRO B 154 -0.29 -4.52 19.38
N CYS B 155 0.14 -3.31 19.68
CA CYS B 155 0.23 -2.77 21.03
C CYS B 155 0.49 -1.28 20.88
N GLU B 156 0.46 -0.56 22.02
CA GLU B 156 0.71 0.88 21.97
C GLU B 156 2.01 1.19 21.25
N PHE B 157 3.06 0.43 21.55
CA PHE B 157 4.37 0.69 20.96
C PHE B 157 4.34 0.53 19.45
N SER B 158 3.78 -0.59 18.96
CA SER B 158 3.82 -0.84 17.53
C SER B 158 2.87 0.07 16.77
N GLN B 159 1.77 0.48 17.41
CA GLN B 159 0.83 1.38 16.76
C GLN B 159 1.44 2.74 16.42
N GLN B 160 2.49 3.16 17.13
CA GLN B 160 3.08 4.46 16.85
C GLN B 160 3.67 4.54 15.44
N PHE B 161 3.96 3.40 14.82
CA PHE B 161 4.59 3.39 13.50
C PHE B 161 3.58 3.40 12.36
N LEU B 162 2.28 3.43 12.67
CA LEU B 162 1.22 3.42 11.65
C LEU B 162 0.61 4.81 11.57
N ASP B 163 0.78 5.46 10.44
CA ASP B 163 0.01 6.68 10.17
C ASP B 163 -1.38 6.28 9.67
N SER B 164 -2.21 7.28 9.34
CA SER B 164 -3.58 6.97 8.93
C SER B 164 -3.66 6.09 7.69
N PRO B 165 -2.92 6.35 6.60
CA PRO B 165 -2.98 5.42 5.46
C PRO B 165 -2.55 4.02 5.82
N ALA B 166 -1.52 3.87 6.64
CA ALA B 166 -1.07 2.54 7.03
C ALA B 166 -2.10 1.83 7.91
N LYS B 167 -2.79 2.56 8.80
CA LYS B 167 -3.80 1.94 9.64
C LYS B 167 -4.86 1.21 8.82
N ALA B 168 -5.13 1.70 7.60
CA ALA B 168 -6.16 1.07 6.77
C ALA B 168 -5.72 -0.30 6.28
N LEU B 169 -4.41 -0.50 6.06
CA LEU B 169 -3.92 -1.82 5.70
C LEU B 169 -3.92 -2.74 6.91
N ALA B 170 -3.78 -2.18 8.11
CA ALA B 170 -3.58 -2.99 9.30
C ALA B 170 -4.85 -3.72 9.70
N LYS B 171 -6.00 -3.15 9.36
CA LYS B 171 -7.32 -3.76 9.62
C LYS B 171 -7.50 -3.81 11.13
N SER B 172 -7.71 -4.98 11.73
CA SER B 172 -8.00 -5.12 13.14
C SER B 172 -6.73 -5.24 13.96
N GLU B 173 -6.88 -5.05 15.28
CA GLU B 173 -5.75 -5.23 16.20
C GLU B 173 -5.41 -6.70 16.40
N GLU B 174 -5.93 -7.59 15.54
CA GLU B 174 -5.59 -9.00 15.60
C GLU B 174 -4.91 -9.51 14.34
N ASP B 175 -4.64 -8.63 13.36
CA ASP B 175 -4.33 -9.08 12.01
C ASP B 175 -3.03 -8.48 11.45
N TYR B 176 -2.13 -7.98 12.29
CA TYR B 176 -0.89 -7.45 11.75
C TYR B 176 0.24 -7.59 12.76
N LEU B 177 1.47 -7.49 12.24
CA LEU B 177 2.67 -7.34 13.06
C LEU B 177 3.43 -6.16 12.50
N VAL B 178 4.21 -5.50 13.35
CA VAL B 178 5.12 -4.45 12.90
C VAL B 178 6.53 -5.04 12.97
N MET B 179 7.20 -5.10 11.82
CA MET B 179 8.54 -5.66 11.69
C MET B 179 9.58 -4.55 11.70
N ILE B 180 10.43 -4.55 12.72
CA ILE B 180 11.49 -3.54 12.85
C ILE B 180 12.81 -4.22 12.55
N ILE B 181 13.45 -3.83 11.45
CA ILE B 181 14.73 -4.38 11.04
C ILE B 181 15.80 -3.33 11.33
N VAL B 182 16.81 -3.69 12.13
CA VAL B 182 17.97 -2.83 12.37
C VAL B 182 19.20 -3.54 11.82
N ARG B 183 20.00 -2.84 11.03
CA ARG B 183 21.21 -3.39 10.42
C ARG B 183 22.43 -3.06 11.28
N GLY B 184 23.28 -4.07 11.53
CA GLY B 184 24.56 -3.75 12.13
C GLY B 184 24.47 -3.33 13.59
N PHE B 185 25.50 -2.56 14.00
CA PHE B 185 25.73 -2.18 15.39
C PHE B 185 26.16 -0.72 15.35
N GLY B 186 25.37 0.15 15.99
CA GLY B 186 25.62 1.58 15.95
C GLY B 186 25.27 2.19 14.58
N PHE B 187 25.67 3.46 14.42
CA PHE B 187 25.29 4.20 13.22
C PHE B 187 25.91 3.58 11.97
N GLN B 188 25.07 3.34 10.96
CA GLN B 188 25.51 2.68 9.74
C GLN B 188 26.05 3.72 8.75
N ILE B 189 27.38 3.86 8.74
CA ILE B 189 28.12 4.80 7.91
C ILE B 189 29.51 4.20 7.70
#